data_4E0G
#
_entry.id   4E0G
#
_cell.length_a   117.880
_cell.length_b   120.200
_cell.length_c   58.040
_cell.angle_alpha   90.00
_cell.angle_beta   111.85
_cell.angle_gamma   90.00
#
_symmetry.space_group_name_H-M   'C 1 2 1'
#
loop_
_entity.id
_entity.type
_entity.pdbx_description
1 polymer Protelomerase
2 polymer "DNA (5'-D(*CP*AP*TP*AP*AP*TP*AP*AP*CP*AP*AP*TP*A)-3')"
3 polymer "DNA (5'-D(*TP*CP*AP*TP*GP*AP*TP*AP*TP*TP*GP*TP*TP*AP*TP*TP*AP*TP*G)-3')"
4 non-polymer 'VANADATE ION'
5 water water
#
loop_
_entity_poly.entity_id
_entity_poly.type
_entity_poly.pdbx_seq_one_letter_code
_entity_poly.pdbx_strand_id
1 'polypeptide(L)'
;MGSSHHHHHHSSGLVPRGSHMLAAKRKTKTPVLVERIDQFVGQIKEAMKSDDASRNRKIRDLWDAEVRYHFDNGRTEKTL
ELYIMKYRNALKAEFGPKSTPLAICNMKKLRERLNTYIARGDYPKTGVATSIVEKIERAEFNTAGRKPTVLLRIADFIAA
MNGMDAKQDMQALWDAEIAIMNGRAQTTIISYITKYRNAIREAFGDDHPMLKIATGDAAMYDEARRVKMEKIANKHGALI
TFENYRQVLKICEDCLKSSDPLMIGIGLIGMTGRRPYEVFTQAEFSPAPYGKGVSKWSILFNGQAKTKQGEGTKFGITYE
IPVLTRSETVLAAYKRLRESGQGKLWHGMSIDDFSSETRLLLRDTVFNLFEDVWPKEELPKPYGLRHLYAEVAYHNFAPP
HVTKNSYFAAILGHNNNDLETSLSYMTYTLPEDRDNALARLKRTNERTLQQMATIAPVSRKG
;
A
2 'polydeoxyribonucleotide' (DC)(DA)(DT)(DA)(DA)(DT)(DA)(DA)(DC)(DA)(DA)(DT)(DA) C
3 'polydeoxyribonucleotide' (DT)(DC)(DA)(DT)(DG)(DA)(DT)(DA)(DT)(DT)(DG)(DT)(DT)(DA)(DT)(DT)(DA)(DT)(DG) D
#
loop_
_chem_comp.id
_chem_comp.type
_chem_comp.name
_chem_comp.formula
DA DNA linking 2'-DEOXYADENOSINE-5'-MONOPHOSPHATE 'C10 H14 N5 O6 P'
DC DNA linking 2'-DEOXYCYTIDINE-5'-MONOPHOSPHATE 'C9 H14 N3 O7 P'
DG DNA linking 2'-DEOXYGUANOSINE-5'-MONOPHOSPHATE 'C10 H14 N5 O7 P'
DT DNA linking THYMIDINE-5'-MONOPHOSPHATE 'C10 H15 N2 O8 P'
VO4 non-polymer 'VANADATE ION' 'O4 V -3'
#
# COMPACT_ATOMS: atom_id res chain seq x y z
N TYR A 123 -27.62 -11.49 -19.35
CA TYR A 123 -26.81 -11.08 -18.21
C TYR A 123 -27.67 -10.99 -16.95
N PRO A 124 -27.07 -11.29 -15.78
CA PRO A 124 -27.78 -11.23 -14.49
C PRO A 124 -28.32 -9.83 -14.17
N LYS A 125 -29.57 -9.78 -13.69
CA LYS A 125 -30.19 -8.53 -13.27
C LYS A 125 -30.64 -8.59 -11.81
N THR A 126 -30.24 -9.66 -11.11
CA THR A 126 -30.50 -9.80 -9.67
C THR A 126 -29.24 -10.22 -8.92
N GLY A 127 -29.11 -9.75 -7.68
CA GLY A 127 -27.98 -10.09 -6.85
C GLY A 127 -27.79 -9.13 -5.70
N VAL A 128 -26.84 -9.42 -4.83
CA VAL A 128 -26.58 -8.58 -3.66
C VAL A 128 -25.07 -8.45 -3.41
N ALA A 129 -24.63 -7.23 -3.08
CA ALA A 129 -23.23 -7.03 -2.71
C ALA A 129 -23.08 -7.37 -1.23
N THR A 130 -22.81 -8.65 -0.96
CA THR A 130 -22.77 -9.20 0.40
C THR A 130 -21.87 -8.43 1.37
N SER A 131 -20.65 -8.12 0.94
CA SER A 131 -19.69 -7.42 1.79
C SER A 131 -20.19 -6.06 2.29
N ILE A 132 -20.89 -5.33 1.42
CA ILE A 132 -21.44 -4.02 1.79
C ILE A 132 -22.56 -4.17 2.84
N VAL A 133 -23.48 -5.10 2.57
CA VAL A 133 -24.59 -5.37 3.49
C VAL A 133 -24.09 -5.73 4.88
N GLU A 134 -23.12 -6.64 4.94
CA GLU A 134 -22.57 -7.12 6.21
C GLU A 134 -21.95 -5.98 7.01
N LYS A 135 -21.27 -5.06 6.32
CA LYS A 135 -20.65 -3.91 6.98
C LYS A 135 -21.69 -2.96 7.54
N ILE A 136 -22.79 -2.80 6.82
CA ILE A 136 -23.90 -1.97 7.28
C ILE A 136 -24.56 -2.60 8.51
N GLU A 137 -24.80 -3.91 8.47
CA GLU A 137 -25.45 -4.61 9.58
C GLU A 137 -24.61 -4.59 10.86
N ARG A 138 -23.30 -4.53 10.72
CA ARG A 138 -22.42 -4.44 11.89
C ARG A 138 -22.47 -3.05 12.51
N ALA A 139 -22.55 -2.02 11.66
CA ALA A 139 -22.65 -0.64 12.15
C ALA A 139 -23.98 -0.37 12.85
N GLU A 140 -24.94 -1.27 12.68
CA GLU A 140 -26.26 -1.15 13.30
C GLU A 140 -26.14 -1.03 14.82
N PHE A 141 -25.32 -1.87 15.44
CA PHE A 141 -25.14 -1.78 16.89
C PHE A 141 -23.75 -1.29 17.34
N ASN A 142 -23.36 -0.13 16.81
CA ASN A 142 -22.12 0.54 17.21
C ASN A 142 -22.34 1.54 18.34
N THR A 143 -21.33 1.72 19.17
CA THR A 143 -21.41 2.58 20.36
C THR A 143 -21.18 4.06 20.02
N ALA A 144 -20.31 4.30 19.06
CA ALA A 144 -20.00 5.66 18.63
C ALA A 144 -19.57 5.64 17.16
N GLY A 145 -19.47 6.82 16.56
CA GLY A 145 -18.94 6.94 15.21
C GLY A 145 -19.94 7.38 14.16
N ARG A 146 -19.42 7.79 13.01
CA ARG A 146 -20.24 8.21 11.88
C ARG A 146 -21.21 7.12 11.43
N LYS A 147 -22.31 7.57 10.82
CA LYS A 147 -23.22 6.67 10.11
C LYS A 147 -22.59 6.29 8.77
N PRO A 148 -22.79 5.04 8.33
CA PRO A 148 -22.24 4.58 7.04
C PRO A 148 -23.07 5.08 5.85
N THR A 149 -23.18 6.40 5.69
CA THR A 149 -23.99 6.98 4.63
C THR A 149 -23.57 6.56 3.22
N VAL A 150 -22.27 6.41 2.99
CA VAL A 150 -21.77 6.00 1.68
C VAL A 150 -22.11 4.53 1.38
N LEU A 151 -21.84 3.64 2.32
CA LEU A 151 -22.17 2.22 2.17
C LEU A 151 -23.67 2.05 1.95
N LEU A 152 -24.46 2.89 2.62
CA LEU A 152 -25.91 2.89 2.46
C LEU A 152 -26.33 3.23 1.03
N ARG A 153 -25.80 4.33 0.50
CA ARG A 153 -26.10 4.71 -0.89
C ARG A 153 -25.74 3.60 -1.86
N ILE A 154 -24.60 2.94 -1.62
CA ILE A 154 -24.17 1.84 -2.47
C ILE A 154 -25.15 0.67 -2.36
N ALA A 155 -25.59 0.39 -1.14
CA ALA A 155 -26.55 -0.67 -0.89
C ALA A 155 -27.88 -0.42 -1.62
N ASP A 156 -28.39 0.80 -1.48
CA ASP A 156 -29.63 1.19 -2.15
C ASP A 156 -29.45 1.18 -3.67
N PHE A 157 -28.34 1.76 -4.11
CA PHE A 157 -28.00 1.77 -5.53
C PHE A 157 -28.06 0.36 -6.11
N ILE A 158 -27.40 -0.59 -5.46
CA ILE A 158 -27.39 -1.97 -5.96
C ILE A 158 -28.80 -2.60 -6.00
N ALA A 159 -29.59 -2.34 -4.96
CA ALA A 159 -30.93 -2.90 -4.89
C ALA A 159 -31.86 -2.33 -5.97
N ALA A 160 -31.77 -1.02 -6.20
CA ALA A 160 -32.57 -0.38 -7.24
C ALA A 160 -32.26 -0.94 -8.63
N MET A 161 -31.09 -1.58 -8.74
CA MET A 161 -30.63 -2.17 -10.00
C MET A 161 -31.26 -3.53 -10.28
N ASN A 162 -31.78 -4.19 -9.24
CA ASN A 162 -32.44 -5.48 -9.42
C ASN A 162 -33.67 -5.35 -10.31
N GLY A 163 -33.67 -6.05 -11.44
CA GLY A 163 -34.78 -6.00 -12.36
C GLY A 163 -34.59 -5.00 -13.49
N MET A 164 -33.61 -4.12 -13.35
CA MET A 164 -33.35 -3.11 -14.38
C MET A 164 -32.76 -3.72 -15.64
N ASP A 165 -33.32 -3.36 -16.79
CA ASP A 165 -32.82 -3.85 -18.08
C ASP A 165 -32.69 -2.75 -19.12
N ALA A 166 -33.09 -1.53 -18.75
CA ALA A 166 -33.00 -0.41 -19.68
C ALA A 166 -31.77 0.47 -19.44
N LYS A 167 -30.97 0.63 -20.49
CA LYS A 167 -29.75 1.41 -20.44
C LYS A 167 -30.01 2.85 -19.98
N GLN A 168 -31.12 3.44 -20.42
CA GLN A 168 -31.46 4.81 -20.03
C GLN A 168 -31.87 4.91 -18.57
N ASP A 169 -32.46 3.83 -18.04
CA ASP A 169 -32.76 3.76 -16.62
C ASP A 169 -31.45 3.71 -15.80
N MET A 170 -30.57 2.78 -16.17
CA MET A 170 -29.28 2.63 -15.50
C MET A 170 -28.49 3.95 -15.51
N GLN A 171 -28.55 4.67 -16.63
CA GLN A 171 -27.86 5.96 -16.75
C GLN A 171 -28.40 7.02 -15.78
N ALA A 172 -29.72 7.06 -15.62
CA ALA A 172 -30.35 8.02 -14.72
C ALA A 172 -30.02 7.73 -13.26
N LEU A 173 -29.92 6.44 -12.93
CA LEU A 173 -29.60 6.02 -11.56
C LEU A 173 -28.17 6.43 -11.21
N TRP A 174 -27.23 6.20 -12.12
CA TRP A 174 -25.84 6.57 -11.89
C TRP A 174 -25.69 8.07 -11.78
N ASP A 175 -26.30 8.78 -12.72
CA ASP A 175 -26.23 10.25 -12.75
C ASP A 175 -26.64 10.88 -11.43
N ALA A 176 -27.56 10.23 -10.72
CA ALA A 176 -28.02 10.70 -9.42
C ALA A 176 -26.93 10.56 -8.35
N GLU A 177 -26.27 9.40 -8.31
CA GLU A 177 -25.19 9.17 -7.36
C GLU A 177 -24.06 10.17 -7.60
N ILE A 178 -23.75 10.39 -8.87
CA ILE A 178 -22.73 11.36 -9.27
C ILE A 178 -23.08 12.77 -8.77
N ALA A 179 -24.37 13.11 -8.80
CA ALA A 179 -24.81 14.42 -8.33
C ALA A 179 -24.56 14.63 -6.84
N ILE A 180 -24.79 13.57 -6.05
CA ILE A 180 -24.56 13.64 -4.61
C ILE A 180 -23.09 13.91 -4.31
N MET A 181 -22.22 13.16 -4.99
CA MET A 181 -20.78 13.20 -4.76
C MET A 181 -20.13 14.54 -5.10
N ASN A 182 -20.90 15.43 -5.71
CA ASN A 182 -20.41 16.69 -6.27
C ASN A 182 -19.27 17.39 -5.52
N GLY A 183 -19.56 17.82 -4.29
CA GLY A 183 -18.60 18.60 -3.51
C GLY A 183 -17.37 17.87 -2.99
N ARG A 184 -17.27 16.57 -3.23
CA ARG A 184 -16.11 15.80 -2.77
C ARG A 184 -14.85 16.11 -3.61
N ALA A 185 -13.68 15.78 -3.07
CA ALA A 185 -12.43 15.98 -3.80
C ALA A 185 -12.34 15.01 -4.98
N GLN A 186 -11.50 15.33 -5.95
CA GLN A 186 -11.39 14.51 -7.15
C GLN A 186 -10.92 13.09 -6.85
N THR A 187 -9.89 12.97 -6.00
CA THR A 187 -9.38 11.65 -5.62
C THR A 187 -10.42 10.85 -4.86
N THR A 188 -11.26 11.55 -4.10
CA THR A 188 -12.32 10.91 -3.34
C THR A 188 -13.36 10.29 -4.26
N ILE A 189 -13.86 11.09 -5.21
CA ILE A 189 -14.84 10.61 -6.19
C ILE A 189 -14.29 9.42 -6.97
N ILE A 190 -13.01 9.49 -7.33
CA ILE A 190 -12.36 8.39 -8.03
C ILE A 190 -12.35 7.14 -7.14
N SER A 191 -12.07 7.33 -5.86
CA SER A 191 -12.08 6.23 -4.89
C SER A 191 -13.48 5.67 -4.66
N TYR A 192 -14.46 6.58 -4.60
CA TYR A 192 -15.85 6.21 -4.39
C TYR A 192 -16.40 5.44 -5.59
N ILE A 193 -15.95 5.79 -6.80
CA ILE A 193 -16.37 5.09 -8.02
C ILE A 193 -15.92 3.63 -8.01
N THR A 194 -14.71 3.38 -7.51
CA THR A 194 -14.20 2.02 -7.36
C THR A 194 -15.08 1.15 -6.47
N LYS A 195 -15.66 1.76 -5.43
CA LYS A 195 -16.49 1.03 -4.47
C LYS A 195 -17.79 0.60 -5.13
N TYR A 196 -18.45 1.53 -5.81
CA TYR A 196 -19.65 1.22 -6.57
C TYR A 196 -19.36 0.13 -7.61
N ARG A 197 -18.26 0.29 -8.34
CA ARG A 197 -17.91 -0.67 -9.39
C ARG A 197 -17.63 -2.07 -8.82
N ASN A 198 -16.95 -2.15 -7.68
CA ASN A 198 -16.71 -3.43 -7.02
C ASN A 198 -18.00 -4.07 -6.50
N ALA A 199 -18.94 -3.25 -6.03
CA ALA A 199 -20.25 -3.76 -5.60
C ALA A 199 -21.01 -4.39 -6.78
N ILE A 200 -21.07 -3.68 -7.89
CA ILE A 200 -21.72 -4.16 -9.10
C ILE A 200 -21.15 -5.51 -9.53
N ARG A 201 -19.83 -5.64 -9.48
CA ARG A 201 -19.16 -6.89 -9.82
C ARG A 201 -19.52 -8.00 -8.83
N GLU A 202 -19.64 -7.63 -7.56
CA GLU A 202 -19.97 -8.61 -6.53
C GLU A 202 -21.42 -9.06 -6.67
N ALA A 203 -22.31 -8.11 -6.96
CA ALA A 203 -23.74 -8.40 -7.02
C ALA A 203 -24.20 -9.00 -8.35
N PHE A 204 -23.64 -8.51 -9.45
CA PHE A 204 -24.15 -8.88 -10.77
C PHE A 204 -23.15 -9.56 -11.69
N GLY A 205 -21.86 -9.49 -11.33
CA GLY A 205 -20.83 -10.09 -12.16
C GLY A 205 -20.14 -9.12 -13.10
N ASP A 206 -19.17 -9.61 -13.86
CA ASP A 206 -18.27 -8.76 -14.63
C ASP A 206 -18.82 -8.32 -15.99
N ASP A 207 -19.95 -8.90 -16.40
CA ASP A 207 -20.48 -8.60 -17.73
C ASP A 207 -21.77 -7.78 -17.70
N HIS A 208 -22.00 -7.08 -16.59
CA HIS A 208 -23.21 -6.28 -16.46
C HIS A 208 -23.00 -4.92 -17.11
N PRO A 209 -23.97 -4.50 -17.94
CA PRO A 209 -23.91 -3.27 -18.72
C PRO A 209 -23.75 -2.01 -17.86
N MET A 210 -24.04 -2.10 -16.57
CA MET A 210 -23.87 -0.97 -15.67
CA MET A 210 -23.87 -0.97 -15.67
C MET A 210 -22.41 -0.56 -15.56
N LEU A 211 -21.51 -1.52 -15.76
CA LEU A 211 -20.07 -1.28 -15.65
C LEU A 211 -19.55 -0.39 -16.79
N LYS A 212 -20.34 -0.23 -17.84
CA LYS A 212 -19.96 0.65 -18.95
C LYS A 212 -20.42 2.08 -18.64
N ILE A 213 -21.39 2.20 -17.74
CA ILE A 213 -21.99 3.50 -17.42
C ILE A 213 -21.40 4.11 -16.16
N ALA A 214 -21.27 3.28 -15.12
CA ALA A 214 -20.76 3.72 -13.82
C ALA A 214 -19.23 3.82 -13.79
N THR A 215 -18.70 4.80 -14.50
CA THR A 215 -17.27 5.08 -14.44
C THR A 215 -17.04 6.58 -14.50
N GLY A 216 -15.86 7.03 -14.11
CA GLY A 216 -15.53 8.44 -14.20
C GLY A 216 -15.37 8.88 -15.64
N ASP A 217 -15.48 10.14 -15.88
CA ASP A 217 -15.31 10.61 -17.23
C ASP A 217 -13.83 10.55 -17.64
N ALA A 218 -13.54 10.48 -18.90
CA ALA A 218 -12.19 10.41 -19.31
C ALA A 218 -11.37 11.63 -18.83
N ALA A 219 -11.92 12.80 -18.90
CA ALA A 219 -11.20 13.99 -18.45
C ALA A 219 -10.83 13.89 -16.97
N MET A 220 -11.63 13.15 -16.20
CA MET A 220 -11.38 13.04 -14.77
C MET A 220 -10.10 12.26 -14.51
N TYR A 221 -9.96 11.12 -15.19
CA TYR A 221 -8.76 10.30 -15.08
C TYR A 221 -7.53 10.97 -15.70
N ASP A 222 -7.71 11.64 -16.83
CA ASP A 222 -6.58 12.37 -17.44
C ASP A 222 -6.03 13.44 -16.50
N GLU A 223 -6.92 14.17 -15.84
CA GLU A 223 -6.49 15.22 -14.90
C GLU A 223 -5.81 14.63 -13.65
N ALA A 224 -6.34 13.50 -13.16
CA ALA A 224 -5.74 12.85 -12.00
C ALA A 224 -4.32 12.38 -12.34
N ARG A 225 -4.15 11.83 -13.54
CA ARG A 225 -2.83 11.39 -14.00
C ARG A 225 -1.89 12.57 -14.05
N ARG A 226 -2.35 13.67 -14.65
CA ARG A 226 -1.55 14.87 -14.74
C ARG A 226 -1.12 15.36 -13.36
N VAL A 227 -2.07 15.49 -12.44
CA VAL A 227 -1.76 15.91 -11.07
C VAL A 227 -0.73 14.98 -10.40
N LYS A 228 -0.91 13.68 -10.62
CA LYS A 228 -0.02 12.66 -10.07
CA LYS A 228 -0.02 12.66 -10.07
C LYS A 228 1.43 12.86 -10.48
N MET A 229 1.66 12.96 -11.79
CA MET A 229 3.03 13.10 -12.30
CA MET A 229 3.01 13.12 -12.35
C MET A 229 3.66 14.44 -11.94
N GLU A 230 2.83 15.48 -11.75
CA GLU A 230 3.34 16.81 -11.40
C GLU A 230 3.98 16.77 -10.02
N LYS A 231 3.34 16.01 -9.12
CA LYS A 231 3.83 15.85 -7.76
C LYS A 231 5.15 15.08 -7.75
N ILE A 232 5.18 13.96 -8.50
CA ILE A 232 6.39 13.14 -8.60
C ILE A 232 7.54 13.96 -9.20
N ALA A 233 7.22 14.73 -10.24
CA ALA A 233 8.21 15.59 -10.89
C ALA A 233 8.73 16.66 -9.94
N ASN A 234 7.86 17.18 -9.07
CA ASN A 234 8.30 18.19 -8.10
C ASN A 234 9.25 17.61 -7.07
N LYS A 235 8.99 16.37 -6.66
CA LYS A 235 9.85 15.68 -5.71
C LYS A 235 11.21 15.31 -6.30
N HIS A 236 11.24 14.93 -7.57
CA HIS A 236 12.51 14.57 -8.21
C HIS A 236 13.44 15.77 -8.34
N GLY A 237 12.86 16.97 -8.30
CA GLY A 237 13.66 18.18 -8.40
C GLY A 237 13.96 18.82 -7.05
N ALA A 238 13.43 18.23 -5.98
CA ALA A 238 13.65 18.75 -4.64
C ALA A 238 13.63 17.61 -3.63
N LEU A 239 14.61 16.72 -3.73
CA LEU A 239 14.75 15.59 -2.82
C LEU A 239 15.01 16.07 -1.39
N ILE A 240 14.46 15.33 -0.42
CA ILE A 240 14.66 15.60 1.00
C ILE A 240 15.89 14.86 1.51
N THR A 241 16.84 15.59 2.10
CA THR A 241 18.01 14.94 2.68
C THR A 241 17.64 14.22 3.99
N PHE A 242 17.72 12.89 3.98
CA PHE A 242 17.41 12.09 5.16
C PHE A 242 18.62 12.04 6.08
N GLU A 243 18.86 13.13 6.80
CA GLU A 243 20.08 13.28 7.61
C GLU A 243 20.29 12.18 8.67
N ASN A 244 19.27 11.94 9.48
CA ASN A 244 19.39 10.98 10.58
C ASN A 244 18.87 9.60 10.22
N TYR A 245 19.15 9.16 8.98
CA TYR A 245 18.56 7.93 8.48
C TYR A 245 19.08 6.69 9.24
N ARG A 246 20.35 6.71 9.62
CA ARG A 246 20.93 5.59 10.36
C ARG A 246 20.27 5.46 11.73
N GLN A 247 19.89 6.58 12.32
CA GLN A 247 19.15 6.55 13.58
C GLN A 247 17.77 5.92 13.40
N VAL A 248 17.11 6.27 12.30
CA VAL A 248 15.79 5.70 12.01
C VAL A 248 15.92 4.18 11.85
N LEU A 249 16.94 3.75 11.10
CA LEU A 249 17.23 2.34 10.92
C LEU A 249 17.55 1.62 12.23
N LYS A 250 18.24 2.31 13.14
CA LYS A 250 18.56 1.73 14.45
C LYS A 250 17.29 1.48 15.24
N ILE A 251 16.41 2.48 15.26
CA ILE A 251 15.12 2.37 15.94
C ILE A 251 14.36 1.17 15.43
N CYS A 252 14.30 1.04 14.10
CA CYS A 252 13.64 -0.08 13.44
C CYS A 252 14.25 -1.40 13.88
N GLU A 253 15.57 -1.42 13.99
CA GLU A 253 16.27 -2.62 14.42
C GLU A 253 15.91 -2.99 15.85
N ASP A 254 15.89 -1.99 16.74
CA ASP A 254 15.51 -2.20 18.14
C ASP A 254 14.08 -2.74 18.25
N CYS A 255 13.22 -2.30 17.34
N CYS A 255 13.22 -2.29 17.35
CA CYS A 255 11.82 -2.71 17.35
CA CYS A 255 11.82 -2.71 17.35
C CYS A 255 11.65 -4.20 17.10
C CYS A 255 11.68 -4.21 17.13
N LEU A 256 12.59 -4.79 16.37
CA LEU A 256 12.58 -6.23 16.10
C LEU A 256 12.66 -7.07 17.37
N LYS A 257 13.17 -6.48 18.46
CA LYS A 257 13.29 -7.14 19.76
C LYS A 257 12.19 -6.75 20.76
N SER A 258 11.27 -5.87 20.34
CA SER A 258 10.16 -5.46 21.19
C SER A 258 9.17 -6.60 21.38
N SER A 259 8.42 -6.58 22.47
N SER A 259 8.42 -6.56 22.48
CA SER A 259 7.45 -7.65 22.72
CA SER A 259 7.45 -7.61 22.77
C SER A 259 6.04 -7.28 22.24
C SER A 259 6.06 -7.28 22.22
N ASP A 260 5.86 -6.01 21.88
CA ASP A 260 4.62 -5.55 21.27
C ASP A 260 4.72 -5.93 19.79
N PRO A 261 3.91 -6.91 19.34
CA PRO A 261 4.05 -7.37 17.96
C PRO A 261 3.77 -6.26 16.95
N LEU A 262 3.09 -5.20 17.38
CA LEU A 262 2.96 -3.99 16.55
C LEU A 262 4.34 -3.39 16.27
N MET A 263 5.11 -3.21 17.33
CA MET A 263 6.46 -2.65 17.23
C MET A 263 7.36 -3.52 16.35
N ILE A 264 7.23 -4.84 16.51
CA ILE A 264 7.97 -5.79 15.69
C ILE A 264 7.67 -5.58 14.20
N GLY A 265 6.39 -5.43 13.86
CA GLY A 265 5.97 -5.15 12.50
C GLY A 265 6.58 -3.88 11.93
N ILE A 266 6.56 -2.80 12.71
CA ILE A 266 7.20 -1.54 12.31
C ILE A 266 8.68 -1.76 12.03
N GLY A 267 9.33 -2.55 12.89
CA GLY A 267 10.74 -2.88 12.68
C GLY A 267 10.94 -3.59 11.35
N LEU A 268 10.02 -4.51 11.02
CA LEU A 268 10.10 -5.26 9.77
C LEU A 268 9.86 -4.40 8.52
N ILE A 269 8.94 -3.43 8.63
CA ILE A 269 8.72 -2.50 7.52
C ILE A 269 10.03 -1.79 7.15
N GLY A 270 10.75 -1.30 8.16
CA GLY A 270 11.98 -0.56 7.92
C GLY A 270 13.11 -1.44 7.40
N MET A 271 13.09 -2.70 7.85
CA MET A 271 14.19 -3.61 7.55
C MET A 271 13.95 -4.44 6.28
N THR A 272 12.69 -4.68 5.92
CA THR A 272 12.36 -5.46 4.73
C THR A 272 11.73 -4.64 3.60
N GLY A 273 11.25 -3.45 3.93
CA GLY A 273 10.65 -2.56 2.93
C GLY A 273 9.27 -2.99 2.46
N ARG A 274 8.74 -4.06 3.04
CA ARG A 274 7.42 -4.55 2.69
C ARG A 274 6.31 -3.61 3.17
N ARG A 275 5.17 -3.63 2.48
CA ARG A 275 4.04 -2.80 2.84
C ARG A 275 3.47 -3.25 4.18
N PRO A 276 2.93 -2.30 4.97
CA PRO A 276 2.31 -2.65 6.26
C PRO A 276 1.32 -3.81 6.15
N TYR A 277 0.42 -3.77 5.15
CA TYR A 277 -0.55 -4.83 4.96
C TYR A 277 0.13 -6.19 4.72
N GLU A 278 1.30 -6.16 4.08
CA GLU A 278 2.05 -7.39 3.81
C GLU A 278 2.69 -7.93 5.08
N VAL A 279 3.38 -7.05 5.81
CA VAL A 279 4.04 -7.44 7.06
C VAL A 279 3.05 -8.05 8.04
N PHE A 280 1.93 -7.38 8.25
CA PHE A 280 1.00 -7.81 9.28
C PHE A 280 0.11 -8.99 8.91
N THR A 281 -0.30 -9.11 7.64
CA THR A 281 -1.34 -10.08 7.30
C THR A 281 -0.96 -11.28 6.44
N GLN A 282 0.14 -11.19 5.68
CA GLN A 282 0.35 -12.23 4.67
C GLN A 282 1.77 -12.47 4.14
N ALA A 283 2.75 -11.72 4.63
CA ALA A 283 4.13 -11.97 4.20
C ALA A 283 4.60 -13.38 4.59
N GLU A 284 5.36 -14.01 3.71
CA GLU A 284 6.04 -15.26 4.04
C GLU A 284 7.53 -15.06 3.87
N PHE A 285 8.24 -14.89 4.99
CA PHE A 285 9.67 -14.66 4.96
C PHE A 285 10.43 -15.98 5.15
N SER A 286 11.31 -16.31 4.20
CA SER A 286 12.10 -17.54 4.27
C SER A 286 13.57 -17.21 3.99
N PRO A 287 14.49 -18.11 4.38
CA PRO A 287 15.92 -17.82 4.18
C PRO A 287 16.31 -17.99 2.71
N ALA A 288 17.15 -17.08 2.20
CA ALA A 288 17.65 -17.16 0.83
C ALA A 288 18.96 -17.93 0.78
N PRO A 289 19.05 -18.91 -0.13
CA PRO A 289 20.32 -19.63 -0.29
C PRO A 289 21.40 -18.73 -0.89
N TYR A 290 22.61 -18.82 -0.35
CA TYR A 290 23.78 -18.24 -1.01
C TYR A 290 24.72 -19.39 -1.34
N GLY A 291 24.65 -19.86 -2.58
CA GLY A 291 25.44 -20.99 -3.03
C GLY A 291 25.08 -22.24 -2.25
N LYS A 292 25.87 -22.52 -1.21
CA LYS A 292 25.62 -23.67 -0.35
C LYS A 292 25.23 -23.23 1.06
N GLY A 293 25.49 -21.96 1.37
CA GLY A 293 25.14 -21.41 2.67
C GLY A 293 23.82 -20.65 2.65
N VAL A 294 23.55 -19.90 3.72
CA VAL A 294 22.37 -19.06 3.81
C VAL A 294 22.76 -17.58 3.71
N SER A 295 22.07 -16.83 2.86
CA SER A 295 22.41 -15.42 2.62
C SER A 295 22.18 -14.56 3.85
N LYS A 296 23.09 -13.62 4.09
CA LYS A 296 23.08 -12.83 5.33
C LYS A 296 22.31 -11.51 5.19
N TRP A 297 22.38 -10.90 4.01
CA TRP A 297 21.73 -9.61 3.79
C TRP A 297 20.55 -9.67 2.81
N SER A 298 19.95 -10.85 2.69
CA SER A 298 18.74 -11.02 1.88
C SER A 298 17.88 -12.20 2.37
N ILE A 299 16.59 -12.15 2.08
CA ILE A 299 15.68 -13.26 2.35
C ILE A 299 14.81 -13.52 1.14
N LEU A 300 13.86 -14.45 1.26
CA LEU A 300 12.86 -14.66 0.23
C LEU A 300 11.52 -14.18 0.75
N PHE A 301 10.75 -13.50 -0.12
CA PHE A 301 9.45 -12.96 0.27
C PHE A 301 8.35 -13.45 -0.66
N ASN A 302 7.20 -13.78 -0.07
CA ASN A 302 6.01 -14.17 -0.82
C ASN A 302 4.81 -13.41 -0.25
N GLY A 303 3.84 -13.11 -1.10
CA GLY A 303 2.62 -12.44 -0.66
C GLY A 303 2.54 -10.98 -1.08
N GLN A 304 3.08 -10.69 -2.27
CA GLN A 304 3.03 -9.35 -2.84
C GLN A 304 1.58 -8.85 -2.96
N ALA A 305 1.31 -7.66 -2.46
CA ALA A 305 -0.03 -7.09 -2.52
C ALA A 305 -0.20 -6.21 -3.76
N LYS A 306 -1.44 -5.79 -4.03
CA LYS A 306 -1.75 -4.82 -5.09
C LYS A 306 -1.52 -5.31 -6.52
N THR A 307 -1.21 -6.58 -6.71
CA THR A 307 -0.84 -7.07 -8.05
C THR A 307 -2.02 -7.05 -9.02
N LYS A 308 -3.23 -7.05 -8.47
CA LYS A 308 -4.44 -7.25 -9.26
C LYS A 308 -4.31 -8.52 -10.10
N GLN A 309 -3.54 -9.49 -9.59
CA GLN A 309 -3.32 -10.77 -10.25
C GLN A 309 -2.88 -10.64 -11.71
N GLY A 310 -2.12 -9.58 -12.01
CA GLY A 310 -1.62 -9.36 -13.36
C GLY A 310 -0.68 -10.46 -13.84
N GLU A 311 -0.59 -10.63 -15.16
CA GLU A 311 0.23 -11.67 -15.74
C GLU A 311 1.73 -11.52 -15.44
N GLY A 312 2.24 -10.30 -15.49
CA GLY A 312 3.65 -10.05 -15.31
C GLY A 312 4.01 -9.57 -13.92
N THR A 313 3.11 -9.81 -12.97
CA THR A 313 3.30 -9.37 -11.59
C THR A 313 3.93 -10.46 -10.73
N LYS A 314 4.12 -10.14 -9.46
CA LYS A 314 4.70 -11.10 -8.52
C LYS A 314 3.62 -11.86 -7.75
N PHE A 315 2.42 -11.93 -8.32
CA PHE A 315 1.30 -12.63 -7.70
C PHE A 315 1.61 -14.10 -7.48
N GLY A 316 1.67 -14.49 -6.20
CA GLY A 316 1.91 -15.87 -5.84
C GLY A 316 3.34 -16.29 -6.12
N ILE A 317 4.21 -15.31 -6.33
CA ILE A 317 5.60 -15.60 -6.65
C ILE A 317 6.53 -15.25 -5.50
N THR A 318 7.39 -16.20 -5.13
CA THR A 318 8.43 -15.95 -4.14
C THR A 318 9.69 -15.44 -4.82
N TYR A 319 10.13 -14.25 -4.43
CA TYR A 319 11.35 -13.66 -4.98
C TYR A 319 12.27 -13.15 -3.86
N GLU A 320 13.55 -13.06 -4.15
CA GLU A 320 14.55 -12.66 -3.14
C GLU A 320 14.62 -11.13 -2.96
N ILE A 321 14.65 -10.69 -1.70
CA ILE A 321 14.77 -9.25 -1.40
C ILE A 321 15.90 -8.98 -0.39
N PRO A 322 16.56 -7.82 -0.54
CA PRO A 322 17.59 -7.43 0.44
C PRO A 322 16.95 -6.99 1.76
N VAL A 323 17.70 -7.13 2.85
CA VAL A 323 17.30 -6.65 4.18
C VAL A 323 18.39 -5.77 4.78
N LEU A 324 18.02 -4.83 5.64
CA LEU A 324 18.98 -3.83 6.14
C LEU A 324 19.64 -4.22 7.49
N THR A 325 19.29 -5.40 7.99
CA THR A 325 19.99 -6.00 9.13
C THR A 325 20.14 -7.50 8.88
N ARG A 326 20.85 -8.19 9.76
CA ARG A 326 21.13 -9.62 9.60
C ARG A 326 19.89 -10.45 9.28
N SER A 327 20.03 -11.36 8.30
CA SER A 327 18.96 -12.24 7.88
C SER A 327 18.33 -13.05 9.03
N GLU A 328 19.17 -13.53 9.94
CA GLU A 328 18.70 -14.34 11.07
C GLU A 328 17.85 -13.52 12.04
N THR A 329 18.20 -12.24 12.17
CA THR A 329 17.49 -11.34 13.07
C THR A 329 16.08 -11.05 12.57
N VAL A 330 15.99 -10.71 11.29
CA VAL A 330 14.70 -10.48 10.64
C VAL A 330 13.82 -11.73 10.70
N LEU A 331 14.37 -12.88 10.32
CA LEU A 331 13.60 -14.12 10.25
C LEU A 331 13.08 -14.63 11.60
N ALA A 332 13.74 -14.22 12.68
CA ALA A 332 13.34 -14.64 14.02
C ALA A 332 12.28 -13.68 14.59
N ALA A 333 12.44 -12.40 14.31
CA ALA A 333 11.48 -11.39 14.77
C ALA A 333 10.11 -11.59 14.13
N TYR A 334 10.09 -12.22 12.95
CA TYR A 334 8.82 -12.47 12.26
C TYR A 334 8.08 -13.68 12.83
N LYS A 335 8.82 -14.65 13.37
CA LYS A 335 8.18 -15.82 13.97
C LYS A 335 7.50 -15.41 15.27
N ARG A 336 8.10 -14.45 15.97
CA ARG A 336 7.53 -13.91 17.20
C ARG A 336 6.27 -13.11 16.87
N LEU A 337 6.30 -12.40 15.74
CA LEU A 337 5.14 -11.68 15.26
C LEU A 337 4.02 -12.67 14.90
N ARG A 338 4.34 -13.66 14.08
CA ARG A 338 3.36 -14.66 13.62
C ARG A 338 2.73 -15.45 14.76
N GLU A 339 3.55 -15.87 15.72
CA GLU A 339 3.11 -16.77 16.78
C GLU A 339 2.48 -16.05 17.98
N SER A 340 2.49 -14.72 17.96
CA SER A 340 1.83 -13.93 19.00
C SER A 340 0.31 -13.99 18.87
N GLY A 341 -0.38 -13.36 19.81
CA GLY A 341 -1.83 -13.35 19.81
C GLY A 341 -2.42 -12.42 18.77
N GLN A 342 -2.04 -11.15 18.83
CA GLN A 342 -2.49 -10.16 17.85
C GLN A 342 -2.03 -10.59 16.45
N GLY A 343 -0.89 -11.27 16.41
CA GLY A 343 -0.32 -11.77 15.17
C GLY A 343 -1.19 -12.80 14.48
N LYS A 344 -1.90 -13.62 15.24
CA LYS A 344 -2.80 -14.60 14.64
C LYS A 344 -4.15 -14.00 14.25
N LEU A 345 -4.55 -12.92 14.90
CA LEU A 345 -5.75 -12.18 14.47
C LEU A 345 -5.47 -11.52 13.11
N TRP A 346 -4.27 -10.99 12.97
CA TRP A 346 -3.84 -10.28 11.77
C TRP A 346 -3.75 -11.17 10.55
N HIS A 347 -3.35 -12.43 10.76
CA HIS A 347 -3.05 -13.32 9.66
C HIS A 347 -4.26 -13.59 8.76
N GLY A 348 -4.07 -13.40 7.45
CA GLY A 348 -5.12 -13.66 6.48
C GLY A 348 -6.23 -12.62 6.41
N MET A 349 -6.09 -11.55 7.17
CA MET A 349 -7.10 -10.49 7.27
C MET A 349 -7.35 -9.82 5.91
N SER A 350 -8.56 -9.29 5.73
CA SER A 350 -8.86 -8.47 4.56
C SER A 350 -8.28 -7.08 4.77
N ILE A 351 -8.12 -6.33 3.70
CA ILE A 351 -7.55 -4.99 3.80
C ILE A 351 -8.43 -4.07 4.67
N ASP A 352 -9.75 -4.25 4.59
CA ASP A 352 -10.68 -3.39 5.30
C ASP A 352 -10.65 -3.61 6.81
N ASP A 353 -10.56 -4.89 7.20
CA ASP A 353 -10.44 -5.23 8.61
C ASP A 353 -9.10 -4.75 9.18
N PHE A 354 -8.02 -4.92 8.42
CA PHE A 354 -6.72 -4.44 8.86
C PHE A 354 -6.76 -2.92 9.05
N SER A 355 -7.21 -2.21 8.02
CA SER A 355 -7.36 -0.76 8.09
C SER A 355 -8.12 -0.34 9.36
N SER A 356 -9.23 -1.01 9.65
CA SER A 356 -10.04 -0.63 10.81
C SER A 356 -9.41 -1.04 12.14
N GLU A 357 -8.73 -2.18 12.16
CA GLU A 357 -8.13 -2.68 13.39
C GLU A 357 -6.84 -1.96 13.79
N THR A 358 -6.00 -1.65 12.81
CA THR A 358 -4.61 -1.31 13.13
C THR A 358 -4.11 0.04 12.56
N ARG A 359 -4.76 0.57 11.53
CA ARG A 359 -4.26 1.76 10.82
C ARG A 359 -3.96 2.96 11.71
N LEU A 360 -4.93 3.37 12.53
CA LEU A 360 -4.80 4.59 13.31
C LEU A 360 -3.79 4.46 14.45
N LEU A 361 -3.65 3.24 14.98
CA LEU A 361 -2.70 2.98 16.06
C LEU A 361 -1.28 2.95 15.52
N LEU A 362 -1.10 2.31 14.36
CA LEU A 362 0.20 2.23 13.69
C LEU A 362 0.68 3.63 13.29
N ARG A 363 -0.24 4.44 12.79
CA ARG A 363 0.02 5.84 12.43
C ARG A 363 0.53 6.63 13.62
N ASP A 364 -0.20 6.56 14.73
CA ASP A 364 0.17 7.27 15.94
C ASP A 364 1.51 6.76 16.50
N THR A 365 1.68 5.44 16.50
CA THR A 365 2.91 4.83 17.00
C THR A 365 4.13 5.28 16.20
N VAL A 366 3.99 5.32 14.87
CA VAL A 366 5.07 5.75 13.99
C VAL A 366 5.38 7.24 14.17
N PHE A 367 4.36 8.06 14.40
CA PHE A 367 4.52 9.49 14.66
C PHE A 367 5.45 9.69 15.86
N ASN A 368 5.21 8.92 16.91
CA ASN A 368 5.92 9.07 18.18
C ASN A 368 7.34 8.52 18.16
N LEU A 369 7.49 7.31 17.63
CA LEU A 369 8.80 6.66 17.52
C LEU A 369 9.86 7.53 16.82
N PHE A 370 9.43 8.29 15.80
CA PHE A 370 10.38 8.95 14.91
C PHE A 370 10.32 10.48 14.96
N GLU A 371 9.43 11.03 15.78
CA GLU A 371 9.13 12.47 15.76
C GLU A 371 10.34 13.41 15.68
N ASP A 372 11.38 13.11 16.45
CA ASP A 372 12.50 14.03 16.61
C ASP A 372 13.66 13.80 15.65
N VAL A 373 13.73 12.61 15.06
CA VAL A 373 14.84 12.27 14.16
C VAL A 373 14.49 12.30 12.66
N TRP A 374 13.21 12.17 12.34
CA TRP A 374 12.74 12.20 10.95
C TRP A 374 12.94 13.60 10.36
N PRO A 375 13.30 13.68 9.07
CA PRO A 375 13.50 14.97 8.37
C PRO A 375 12.36 15.95 8.57
N LYS A 376 12.71 17.20 8.90
CA LYS A 376 11.75 18.23 9.28
C LYS A 376 10.74 18.57 8.17
N GLU A 377 11.11 18.30 6.92
CA GLU A 377 10.27 18.63 5.78
C GLU A 377 8.92 17.89 5.77
N GLU A 378 8.89 16.69 6.34
CA GLU A 378 7.68 15.86 6.30
C GLU A 378 7.40 15.17 7.64
N LEU A 379 6.14 14.77 7.83
CA LEU A 379 5.75 13.98 9.00
C LEU A 379 6.24 12.54 8.84
N PRO A 380 6.60 11.90 9.96
CA PRO A 380 7.01 10.48 9.91
C PRO A 380 5.84 9.60 9.50
N LYS A 381 6.01 8.79 8.45
CA LYS A 381 4.92 7.95 7.97
CA LYS A 381 4.91 7.95 7.96
C LYS A 381 5.40 6.53 7.63
N PRO A 382 4.54 5.53 7.85
N PRO A 382 4.54 5.53 7.85
CA PRO A 382 4.87 4.13 7.58
CA PRO A 382 4.87 4.13 7.58
C PRO A 382 5.50 3.91 6.19
C PRO A 382 5.49 3.91 6.20
N TYR A 383 4.87 4.45 5.14
CA TYR A 383 5.43 4.33 3.79
C TYR A 383 6.74 5.11 3.59
N GLY A 384 7.04 6.02 4.52
CA GLY A 384 8.35 6.67 4.54
C GLY A 384 9.45 5.63 4.72
N LEU A 385 9.14 4.58 5.48
CA LEU A 385 10.11 3.51 5.70
C LEU A 385 10.35 2.69 4.45
N ARG A 386 9.33 2.56 3.61
CA ARG A 386 9.44 1.82 2.35
C ARG A 386 10.30 2.56 1.34
N HIS A 387 10.12 3.89 1.26
CA HIS A 387 10.96 4.74 0.43
C HIS A 387 12.40 4.62 0.89
N LEU A 388 12.63 4.91 2.17
CA LEU A 388 13.97 4.88 2.74
C LEU A 388 14.64 3.53 2.48
N TYR A 389 13.86 2.45 2.61
CA TYR A 389 14.39 1.10 2.39
C TYR A 389 14.98 0.98 1.00
N ALA A 390 14.27 1.50 0.00
CA ALA A 390 14.75 1.43 -1.36
C ALA A 390 16.05 2.21 -1.51
N GLU A 391 16.01 3.45 -1.01
CA GLU A 391 17.13 4.39 -1.13
C GLU A 391 18.39 3.85 -0.46
N VAL A 392 18.23 3.23 0.71
CA VAL A 392 19.36 2.67 1.45
C VAL A 392 19.84 1.34 0.85
N ALA A 393 18.92 0.52 0.35
CA ALA A 393 19.31 -0.76 -0.23
C ALA A 393 20.03 -0.62 -1.58
N TYR A 394 19.64 0.38 -2.36
CA TYR A 394 20.33 0.67 -3.62
C TYR A 394 21.75 1.11 -3.29
N HIS A 395 21.85 2.10 -2.40
CA HIS A 395 23.12 2.64 -1.93
C HIS A 395 24.10 1.56 -1.48
N ASN A 396 23.58 0.47 -0.92
CA ASN A 396 24.41 -0.57 -0.31
C ASN A 396 24.64 -1.83 -1.15
N PHE A 397 23.61 -2.31 -1.86
CA PHE A 397 23.66 -3.64 -2.49
C PHE A 397 23.57 -3.72 -4.03
N ALA A 398 23.27 -2.60 -4.68
CA ALA A 398 23.00 -2.63 -6.12
C ALA A 398 24.24 -2.84 -6.97
N PRO A 399 24.25 -3.93 -7.78
CA PRO A 399 25.29 -4.19 -8.79
C PRO A 399 25.43 -3.01 -9.75
N PRO A 400 26.60 -2.87 -10.39
CA PRO A 400 26.86 -1.67 -11.20
C PRO A 400 26.20 -1.69 -12.59
N HIS A 401 25.72 -2.85 -13.03
CA HIS A 401 25.11 -2.98 -14.37
C HIS A 401 23.59 -2.73 -14.41
N VAL A 402 22.99 -2.39 -13.27
CA VAL A 402 21.57 -2.07 -13.22
C VAL A 402 21.39 -0.58 -12.88
N THR A 403 20.29 0.01 -13.33
CA THR A 403 19.99 1.41 -12.98
C THR A 403 19.19 1.48 -11.68
N LYS A 404 18.99 2.70 -11.17
CA LYS A 404 18.26 2.86 -9.92
C LYS A 404 16.80 2.44 -10.13
N ASN A 405 16.23 2.89 -11.25
CA ASN A 405 14.84 2.55 -11.60
C ASN A 405 14.65 1.05 -11.63
N SER A 406 15.54 0.36 -12.33
CA SER A 406 15.47 -1.10 -12.42
CA SER A 406 15.44 -1.10 -12.42
C SER A 406 15.64 -1.79 -11.06
N TYR A 407 16.59 -1.30 -10.25
CA TYR A 407 16.81 -1.91 -8.94
C TYR A 407 15.62 -1.73 -8.00
N PHE A 408 15.15 -0.49 -7.88
CA PHE A 408 13.91 -0.18 -7.18
C PHE A 408 12.79 -1.12 -7.60
N ALA A 409 12.53 -1.18 -8.91
CA ALA A 409 11.45 -2.04 -9.43
C ALA A 409 11.62 -3.49 -9.02
N ALA A 410 12.87 -3.94 -8.98
CA ALA A 410 13.16 -5.32 -8.62
C ALA A 410 12.91 -5.63 -7.14
N ILE A 411 13.42 -4.78 -6.26
CA ILE A 411 13.29 -5.01 -4.82
C ILE A 411 11.89 -4.70 -4.28
N LEU A 412 11.17 -3.83 -4.98
CA LEU A 412 9.82 -3.45 -4.57
C LEU A 412 8.75 -4.35 -5.19
N GLY A 413 9.17 -5.25 -6.09
CA GLY A 413 8.29 -6.28 -6.62
C GLY A 413 7.36 -5.87 -7.75
N HIS A 414 7.77 -4.88 -8.54
CA HIS A 414 6.89 -4.30 -9.56
C HIS A 414 6.68 -5.17 -10.80
N ASN A 415 5.67 -4.82 -11.57
CA ASN A 415 5.30 -5.50 -12.81
C ASN A 415 6.45 -5.56 -13.83
N ASN A 416 6.51 -6.68 -14.56
CA ASN A 416 7.50 -6.86 -15.62
C ASN A 416 7.61 -5.67 -16.56
N ASN A 417 8.85 -5.24 -16.80
CA ASN A 417 9.16 -4.13 -17.70
C ASN A 417 8.64 -2.75 -17.24
N ASP A 418 8.03 -2.67 -16.07
CA ASP A 418 7.64 -1.36 -15.51
C ASP A 418 8.79 -0.68 -14.76
N LEU A 419 9.20 0.49 -15.24
CA LEU A 419 10.27 1.27 -14.62
C LEU A 419 9.68 2.59 -14.13
N GLU A 420 8.39 2.79 -14.41
CA GLU A 420 7.73 4.06 -14.14
CA GLU A 420 7.73 4.06 -14.14
C GLU A 420 7.26 4.16 -12.69
N THR A 421 6.85 3.04 -12.12
CA THR A 421 6.36 3.06 -10.74
C THR A 421 7.46 3.47 -9.76
N SER A 422 8.70 3.06 -10.04
CA SER A 422 9.88 3.39 -9.21
C SER A 422 10.02 4.88 -8.97
N LEU A 423 9.66 5.68 -9.97
CA LEU A 423 9.73 7.14 -9.86
C LEU A 423 9.02 7.64 -8.60
N SER A 424 7.92 6.98 -8.23
CA SER A 424 7.16 7.40 -7.04
C SER A 424 7.95 7.34 -5.74
N TYR A 425 8.86 6.36 -5.65
CA TYR A 425 9.59 6.06 -4.42
C TYR A 425 10.86 6.90 -4.23
N MET A 426 11.24 7.63 -5.26
CA MET A 426 12.47 8.43 -5.19
C MET A 426 12.13 9.81 -4.64
N THR A 427 12.36 10.00 -3.34
CA THR A 427 12.01 11.24 -2.64
C THR A 427 13.10 11.70 -1.67
N TYR A 428 13.98 10.80 -1.30
CA TYR A 428 15.06 11.06 -0.37
C TYR A 428 16.48 11.05 -0.95
N THR A 429 17.35 11.82 -0.33
CA THR A 429 18.76 11.70 -0.63
C THR A 429 19.58 11.54 0.61
N LEU A 430 20.37 10.49 0.63
CA LEU A 430 21.25 10.17 1.70
C LEU A 430 22.38 11.23 1.93
N PRO A 431 22.64 11.53 3.17
CA PRO A 431 23.54 12.65 3.49
C PRO A 431 24.95 12.40 2.96
N GLU A 432 25.28 11.12 2.79
CA GLU A 432 26.60 10.68 2.33
C GLU A 432 26.76 10.98 0.84
N ASP A 433 25.69 10.75 0.08
CA ASP A 433 25.67 11.09 -1.35
C ASP A 433 25.59 12.60 -1.53
N ARG A 434 24.84 13.26 -0.65
CA ARG A 434 24.69 14.71 -0.71
C ARG A 434 26.06 15.37 -0.55
N ASP A 435 26.80 14.90 0.45
CA ASP A 435 28.07 15.51 0.82
C ASP A 435 29.08 15.59 -0.33
N ASN A 436 29.23 14.50 -1.08
CA ASN A 436 30.26 14.47 -2.13
C ASN A 436 29.78 14.88 -3.53
N ALA A 437 28.47 15.02 -3.70
CA ALA A 437 27.94 15.67 -4.90
C ALA A 437 28.15 17.17 -4.70
N LEU A 438 28.34 17.56 -3.44
CA LEU A 438 28.69 18.93 -3.08
C LEU A 438 30.21 19.09 -3.10
N ALA A 439 30.91 17.99 -3.02
CA ALA A 439 32.34 17.99 -3.17
C ALA A 439 32.75 17.93 -4.63
N ARG A 440 31.91 17.37 -5.50
CA ARG A 440 32.23 17.36 -6.91
C ARG A 440 31.81 18.77 -7.11
N LEU A 441 32.80 19.64 -7.08
CA LEU A 441 32.57 21.04 -6.92
C LEU A 441 31.14 21.36 -7.25
V VO4 D . 4.17 0.55 -4.44
O1 VO4 D . 3.29 0.30 -3.09
O2 VO4 D . 5.23 -0.57 -4.90
#